data_7PJ6
#
_entry.id   7PJ6
#
_cell.length_a   47.291
_cell.length_b   92.543
_cell.length_c   124.795
_cell.angle_alpha   90.000
_cell.angle_beta   90.000
_cell.angle_gamma   90.000
#
_symmetry.space_group_name_H-M   'C 2 2 21'
#
loop_
_entity.id
_entity.type
_entity.pdbx_description
1 polymer 'Putative endo-beta-N-acetylglucosaminidase'
2 branched '2-acetamido-2-deoxy-beta-D-glucopyranose-(1-4)-N-acetyl-beta-muramic acid-(1-4)-2-acetamido-2-deoxy-beta-D-glucopyranose-(1-4)-N-acetyl-beta-muramic acid-(1-4)-2-acetamido-2-deoxy-beta-D-glucopyranose'
3 non-polymer 'PENTAETHYLENE GLYCOL'
4 non-polymer 'TRIETHYLENE GLYCOL'
5 non-polymer DI(HYDROXYETHYL)ETHER
6 non-polymer 'CALCIUM ION'
7 water water
#
_entity_poly.entity_id   1
_entity_poly.type   'polypeptide(L)'
_entity_poly.pdbx_seq_one_letter_code
;NAAYYQVVPVTANVYDSDGEKLSYISQGSVVWLDKDRKSDDKRLAITISGLSGYMKTEDLQALDASKDFIPYYESDGHRF
YHYVAQNASIPVASHLSDMEVGKKYYSADGLHFDGFKLENPFLFKDLTEATNYSAEELDKVFSLLNINNSLLENKGATFK
EAEEHYHINALYLLAHSALQSNWGRSKIAKDKNNFFGITAYDTTPYLSAKTFDDVDKGILGATKWIKENYIDRGRTFLGN
KASGMNVEYASDPYWGEKIASVMMKINEKLGGKD
;
_entity_poly.pdbx_strand_id   AAA
#
loop_
_chem_comp.id
_chem_comp.type
_chem_comp.name
_chem_comp.formula
1PE non-polymer 'PENTAETHYLENE GLYCOL' 'C10 H22 O6'
AMU D-saccharide, beta linking 'N-acetyl-beta-muramic acid' 'C11 H19 N O8'
CA non-polymer 'CALCIUM ION' 'Ca 2'
NAG D-saccharide, beta linking 2-acetamido-2-deoxy-beta-D-glucopyranose 'C8 H15 N O6'
PEG non-polymer DI(HYDROXYETHYL)ETHER 'C4 H10 O3'
PGE non-polymer 'TRIETHYLENE GLYCOL' 'C6 H14 O4'
#
# COMPACT_ATOMS: atom_id res chain seq x y z
N ALA A 2 -16.23 9.72 -20.16
CA ALA A 2 -16.10 8.34 -19.59
C ALA A 2 -16.17 8.40 -18.08
N ALA A 3 -16.48 7.28 -17.43
CA ALA A 3 -16.53 7.19 -15.96
C ALA A 3 -15.17 6.89 -15.37
N TYR A 4 -14.29 6.20 -16.09
N TYR A 4 -14.29 6.21 -16.10
CA TYR A 4 -12.99 5.75 -15.56
CA TYR A 4 -12.97 5.77 -15.59
C TYR A 4 -11.88 6.13 -16.54
C TYR A 4 -11.88 6.14 -16.56
N TYR A 5 -10.73 6.49 -15.99
CA TYR A 5 -9.54 6.91 -16.76
C TYR A 5 -8.33 6.19 -16.19
N GLN A 6 -7.36 5.94 -17.04
CA GLN A 6 -6.11 5.30 -16.62
C GLN A 6 -4.95 6.28 -16.79
N VAL A 7 -3.99 6.19 -15.89
CA VAL A 7 -2.77 7.01 -15.91
C VAL A 7 -1.80 6.50 -16.97
N VAL A 8 -1.38 7.38 -17.85
CA VAL A 8 -0.49 7.01 -18.98
C VAL A 8 1.00 7.16 -18.63
N PRO A 9 1.49 8.27 -18.05
CA PRO A 9 2.92 8.39 -17.79
C PRO A 9 3.36 7.59 -16.56
N VAL A 10 4.66 7.52 -16.33
CA VAL A 10 5.25 6.70 -15.24
C VAL A 10 4.60 7.08 -13.90
N THR A 11 4.48 8.35 -13.63
CA THR A 11 3.63 8.86 -12.54
C THR A 11 2.89 10.10 -13.05
N ALA A 12 1.81 10.43 -12.36
CA ALA A 12 1.06 11.66 -12.66
C ALA A 12 0.63 12.27 -11.34
N ASN A 13 0.59 13.59 -11.29
CA ASN A 13 0.20 14.32 -10.08
C ASN A 13 -1.32 14.42 -9.96
N VAL A 14 -1.77 14.52 -8.70
CA VAL A 14 -3.16 14.89 -8.37
C VAL A 14 -3.10 16.24 -7.67
N TYR A 15 -3.95 17.14 -8.12
CA TYR A 15 -3.93 18.55 -7.70
C TYR A 15 -5.21 18.93 -6.99
N ASP A 16 -5.14 19.96 -6.17
CA ASP A 16 -6.37 20.57 -5.60
C ASP A 16 -6.93 21.63 -6.55
N SER A 17 -7.99 22.29 -6.16
CA SER A 17 -8.68 23.28 -7.03
C SER A 17 -7.78 24.50 -7.28
N ASP A 18 -6.79 24.76 -6.43
CA ASP A 18 -5.83 25.90 -6.50
C ASP A 18 -4.70 25.54 -7.47
N GLY A 19 -4.60 24.28 -7.92
CA GLY A 19 -3.47 23.79 -8.71
C GLY A 19 -2.28 23.33 -7.88
N GLU A 20 -2.44 23.20 -6.57
CA GLU A 20 -1.37 22.71 -5.68
C GLU A 20 -1.34 21.19 -5.76
N LYS A 21 -0.14 20.63 -5.76
N LYS A 21 -0.14 20.62 -5.78
CA LYS A 21 0.06 19.15 -5.78
CA LYS A 21 0.03 19.15 -5.79
C LYS A 21 -0.37 18.56 -4.43
C LYS A 21 -0.38 18.56 -4.44
N LEU A 22 -1.28 17.59 -4.47
CA LEU A 22 -1.68 16.82 -3.28
C LEU A 22 -0.94 15.49 -3.18
N SER A 23 -0.75 14.81 -4.30
CA SER A 23 -0.06 13.50 -4.31
C SER A 23 0.31 13.17 -5.75
N TYR A 24 0.71 11.93 -5.95
CA TYR A 24 1.11 11.40 -7.28
C TYR A 24 0.70 9.94 -7.31
N ILE A 25 0.40 9.43 -8.50
CA ILE A 25 -0.07 8.03 -8.65
C ILE A 25 0.64 7.40 -9.84
N SER A 26 0.68 6.08 -9.83
CA SER A 26 1.49 5.29 -10.77
C SER A 26 0.80 5.11 -12.11
N GLN A 27 1.62 4.93 -13.14
CA GLN A 27 1.20 4.45 -14.47
C GLN A 27 0.25 3.26 -14.29
N GLY A 28 -0.84 3.26 -15.06
CA GLY A 28 -1.82 2.16 -15.10
C GLY A 28 -2.86 2.30 -14.01
N SER A 29 -2.69 3.23 -13.06
CA SER A 29 -3.73 3.46 -12.02
C SER A 29 -5.03 3.90 -12.68
N VAL A 30 -6.15 3.43 -12.16
CA VAL A 30 -7.49 3.79 -12.66
C VAL A 30 -8.17 4.74 -11.68
N VAL A 31 -8.57 5.89 -12.20
CA VAL A 31 -9.24 6.94 -11.41
C VAL A 31 -10.69 7.03 -11.84
N TRP A 32 -11.55 7.46 -10.91
N TRP A 32 -11.55 7.45 -10.92
CA TRP A 32 -13.02 7.61 -11.12
CA TRP A 32 -13.00 7.62 -11.17
C TRP A 32 -13.33 9.07 -11.41
C TRP A 32 -13.29 9.09 -11.44
N LEU A 33 -14.09 9.35 -12.47
CA LEU A 33 -14.64 10.70 -12.66
C LEU A 33 -15.59 11.02 -11.50
N ASP A 34 -15.42 12.18 -10.91
CA ASP A 34 -16.26 12.67 -9.80
C ASP A 34 -17.32 13.60 -10.40
N LYS A 35 -18.56 13.11 -10.51
CA LYS A 35 -19.62 13.90 -11.20
C LYS A 35 -20.14 15.04 -10.30
N ASP A 36 -19.70 15.12 -9.04
CA ASP A 36 -20.18 16.19 -8.14
C ASP A 36 -19.32 17.44 -8.19
N ARG A 37 -18.23 17.41 -8.95
CA ARG A 37 -17.34 18.58 -9.16
C ARG A 37 -17.21 18.84 -10.66
N LYS A 38 -16.85 20.06 -11.00
CA LYS A 38 -16.74 20.51 -12.40
C LYS A 38 -15.42 20.01 -13.01
N SER A 39 -15.54 19.40 -14.19
CA SER A 39 -14.37 19.06 -15.05
C SER A 39 -14.39 20.03 -16.25
N ASP A 40 -13.25 20.19 -16.91
CA ASP A 40 -13.22 20.93 -18.19
C ASP A 40 -12.28 20.20 -19.15
N ASP A 41 -11.90 20.87 -20.23
CA ASP A 41 -11.08 20.25 -21.29
C ASP A 41 -9.72 19.85 -20.72
N LYS A 42 -9.19 20.66 -19.80
CA LYS A 42 -7.79 20.59 -19.35
C LYS A 42 -7.67 19.70 -18.12
N ARG A 43 -8.67 19.69 -17.25
CA ARG A 43 -8.54 18.96 -15.98
C ARG A 43 -9.85 18.28 -15.64
N LEU A 44 -9.72 17.04 -15.15
CA LEU A 44 -10.86 16.23 -14.70
C LEU A 44 -10.86 16.20 -13.18
N ALA A 45 -12.04 16.35 -12.61
CA ALA A 45 -12.30 16.06 -11.20
C ALA A 45 -12.38 14.54 -11.04
N ILE A 46 -11.47 13.98 -10.24
CA ILE A 46 -11.37 12.52 -10.08
C ILE A 46 -11.24 12.16 -8.60
N THR A 47 -11.45 10.87 -8.35
N THR A 47 -11.44 10.87 -8.35
CA THR A 47 -11.21 10.28 -7.03
CA THR A 47 -11.24 10.26 -7.02
C THR A 47 -10.34 9.04 -7.20
C THR A 47 -10.36 9.03 -7.19
N ILE A 48 -9.41 8.85 -6.27
CA ILE A 48 -8.50 7.69 -6.27
C ILE A 48 -8.07 7.41 -4.83
N SER A 49 -8.27 6.20 -4.33
CA SER A 49 -7.67 5.79 -3.04
C SER A 49 -7.95 6.85 -1.97
N GLY A 50 -9.21 7.24 -1.85
CA GLY A 50 -9.66 8.19 -0.82
C GLY A 50 -9.48 9.67 -1.16
N LEU A 51 -8.72 9.96 -2.21
CA LEU A 51 -8.35 11.36 -2.53
C LEU A 51 -9.27 11.89 -3.62
N SER A 52 -9.87 13.05 -3.39
CA SER A 52 -10.67 13.75 -4.40
C SER A 52 -9.90 14.99 -4.83
N GLY A 53 -9.55 15.06 -6.10
CA GLY A 53 -8.78 16.19 -6.63
C GLY A 53 -8.97 16.29 -8.10
N TYR A 54 -7.96 16.80 -8.76
CA TYR A 54 -7.97 17.07 -10.21
C TYR A 54 -6.73 16.49 -10.86
N MET A 55 -6.92 16.01 -12.07
CA MET A 55 -5.79 15.51 -12.89
C MET A 55 -5.84 16.13 -14.28
N LYS A 56 -4.67 16.36 -14.84
CA LYS A 56 -4.58 16.84 -16.24
C LYS A 56 -5.07 15.76 -17.19
N THR A 57 -5.94 16.11 -18.12
N THR A 57 -5.92 16.14 -18.13
CA THR A 57 -6.39 15.19 -19.18
CA THR A 57 -6.39 15.24 -19.21
C THR A 57 -5.17 14.68 -19.98
C THR A 57 -5.18 14.69 -19.98
N GLU A 58 -4.11 15.48 -20.08
CA GLU A 58 -2.86 15.05 -20.78
C GLU A 58 -2.32 13.74 -20.19
N ASP A 59 -2.55 13.47 -18.91
CA ASP A 59 -1.96 12.31 -18.21
C ASP A 59 -2.88 11.09 -18.26
N LEU A 60 -4.05 11.20 -18.87
CA LEU A 60 -5.12 10.18 -18.73
C LEU A 60 -5.59 9.62 -20.08
N GLN A 61 -6.08 8.38 -20.05
CA GLN A 61 -6.77 7.74 -21.18
C GLN A 61 -8.10 7.21 -20.67
N ALA A 62 -9.18 7.49 -21.40
CA ALA A 62 -10.52 6.96 -21.03
C ALA A 62 -10.54 5.43 -21.19
N LEU A 63 -11.25 4.77 -20.29
CA LEU A 63 -11.50 3.32 -20.36
C LEU A 63 -12.98 3.06 -20.69
N ASP A 64 -13.25 1.85 -21.14
CA ASP A 64 -14.60 1.26 -21.32
C ASP A 64 -14.70 0.08 -20.35
N ALA A 65 -15.51 0.19 -19.32
CA ALA A 65 -15.60 -0.83 -18.24
C ALA A 65 -16.13 -2.18 -18.76
N SER A 66 -16.76 -2.21 -19.91
CA SER A 66 -17.26 -3.48 -20.48
C SER A 66 -16.12 -4.27 -21.11
N LYS A 67 -14.93 -3.69 -21.32
CA LYS A 67 -13.82 -4.48 -21.92
C LYS A 67 -12.47 -4.21 -21.30
N ASP A 68 -12.27 -3.11 -20.58
CA ASP A 68 -10.96 -2.76 -19.96
C ASP A 68 -11.05 -3.08 -18.47
N PHE A 69 -9.94 -3.51 -17.90
CA PHE A 69 -9.86 -3.81 -16.45
C PHE A 69 -10.10 -2.54 -15.63
N ILE A 70 -11.02 -2.64 -14.68
CA ILE A 70 -11.30 -1.63 -13.62
C ILE A 70 -11.10 -2.36 -12.30
N PRO A 71 -10.27 -1.88 -11.34
CA PRO A 71 -10.15 -2.54 -10.04
C PRO A 71 -11.50 -2.65 -9.36
N TYR A 72 -11.63 -3.75 -8.64
CA TYR A 72 -12.89 -4.14 -7.98
C TYR A 72 -12.57 -5.00 -6.77
N TYR A 73 -13.58 -5.19 -5.93
CA TYR A 73 -13.47 -6.05 -4.73
C TYR A 73 -14.46 -7.22 -4.87
N GLU A 74 -14.10 -8.37 -4.30
CA GLU A 74 -14.96 -9.57 -4.44
C GLU A 74 -14.71 -10.51 -3.26
N SER A 75 -15.78 -11.11 -2.76
CA SER A 75 -15.68 -12.09 -1.65
C SER A 75 -15.71 -13.52 -2.19
N ASP A 76 -14.92 -14.39 -1.58
CA ASP A 76 -15.01 -15.86 -1.84
C ASP A 76 -15.84 -16.54 -0.74
N GLY A 77 -16.48 -15.78 0.15
CA GLY A 77 -17.28 -16.30 1.26
C GLY A 77 -16.48 -16.40 2.55
N HIS A 78 -15.18 -16.12 2.49
CA HIS A 78 -14.27 -16.18 3.67
C HIS A 78 -13.55 -14.85 3.82
N ARG A 79 -12.94 -14.36 2.75
CA ARG A 79 -12.22 -13.07 2.74
C ARG A 79 -12.73 -12.24 1.56
N PHE A 80 -12.62 -10.95 1.74
CA PHE A 80 -12.91 -9.95 0.69
C PHE A 80 -11.57 -9.54 0.11
N TYR A 81 -11.49 -9.58 -1.21
CA TYR A 81 -10.25 -9.34 -1.96
C TYR A 81 -10.39 -8.10 -2.82
N HIS A 82 -9.31 -7.33 -2.87
CA HIS A 82 -9.17 -6.24 -3.86
C HIS A 82 -8.35 -6.74 -5.04
N TYR A 83 -8.98 -6.76 -6.22
CA TYR A 83 -8.26 -6.95 -7.49
C TYR A 83 -7.64 -5.60 -7.88
N VAL A 84 -6.39 -5.42 -7.51
CA VAL A 84 -5.59 -4.20 -7.77
C VAL A 84 -5.07 -4.21 -9.20
N ALA A 85 -4.99 -5.37 -9.84
CA ALA A 85 -4.64 -5.57 -11.26
C ALA A 85 -5.46 -6.76 -11.76
N GLN A 86 -5.51 -6.94 -13.06
CA GLN A 86 -6.35 -8.01 -13.66
C GLN A 86 -5.96 -9.38 -13.07
N ASN A 87 -4.68 -9.64 -12.85
N ASN A 87 -4.66 -9.50 -12.78
CA ASN A 87 -4.20 -10.95 -12.35
CA ASN A 87 -3.87 -10.71 -12.48
C ASN A 87 -3.55 -10.83 -10.98
C ASN A 87 -3.61 -10.88 -10.98
N ALA A 88 -4.03 -9.95 -10.12
CA ALA A 88 -3.47 -9.84 -8.76
C ALA A 88 -4.51 -9.35 -7.79
N SER A 89 -4.76 -10.14 -6.75
CA SER A 89 -5.71 -9.79 -5.69
C SER A 89 -5.04 -9.83 -4.33
N ILE A 90 -5.58 -9.06 -3.40
CA ILE A 90 -5.07 -9.06 -2.00
C ILE A 90 -6.26 -9.16 -1.07
N PRO A 91 -6.13 -9.94 0.02
CA PRO A 91 -7.21 -10.01 1.00
C PRO A 91 -7.20 -8.77 1.89
N VAL A 92 -8.33 -8.10 2.04
CA VAL A 92 -8.38 -6.84 2.82
C VAL A 92 -9.22 -6.97 4.08
N ALA A 93 -10.15 -7.91 4.11
CA ALA A 93 -11.12 -8.01 5.21
C ALA A 93 -11.72 -9.41 5.24
N SER A 94 -12.38 -9.74 6.34
CA SER A 94 -13.23 -10.95 6.40
C SER A 94 -14.51 -10.70 5.59
N HIS A 95 -15.09 -11.79 5.11
CA HIS A 95 -16.43 -11.80 4.49
C HIS A 95 -17.47 -11.25 5.49
N LEU A 96 -18.38 -10.39 5.02
CA LEU A 96 -19.58 -9.88 5.74
C LEU A 96 -20.82 -10.50 5.08
N SER A 97 -21.86 -10.81 5.87
CA SER A 97 -23.11 -11.45 5.35
C SER A 97 -23.74 -10.59 4.26
N ASP A 98 -23.48 -9.29 4.25
CA ASP A 98 -24.05 -8.36 3.23
C ASP A 98 -23.36 -8.52 1.87
N MET A 99 -22.21 -9.21 1.80
CA MET A 99 -21.52 -9.46 0.52
C MET A 99 -22.11 -10.69 -0.18
N GLU A 100 -22.45 -10.56 -1.46
CA GLU A 100 -22.80 -11.70 -2.33
C GLU A 100 -21.48 -12.28 -2.86
N VAL A 101 -21.27 -13.56 -2.68
CA VAL A 101 -20.06 -14.29 -3.14
C VAL A 101 -19.97 -14.19 -4.66
N GLY A 102 -18.78 -13.85 -5.17
CA GLY A 102 -18.52 -13.82 -6.63
C GLY A 102 -19.11 -12.62 -7.33
N LYS A 103 -19.64 -11.63 -6.60
CA LYS A 103 -20.15 -10.37 -7.18
C LYS A 103 -19.04 -9.31 -7.10
N LYS A 104 -18.84 -8.57 -8.17
CA LYS A 104 -17.84 -7.49 -8.19
C LYS A 104 -18.44 -6.27 -7.52
N TYR A 105 -17.70 -5.69 -6.58
CA TYR A 105 -18.05 -4.42 -5.90
C TYR A 105 -17.01 -3.36 -6.22
N TYR A 106 -17.45 -2.10 -6.25
CA TYR A 106 -16.60 -0.95 -6.62
C TYR A 106 -16.61 0.07 -5.47
N SER A 107 -15.43 0.58 -5.13
CA SER A 107 -15.26 1.57 -4.05
C SER A 107 -14.03 2.43 -4.32
N ALA A 108 -14.15 3.74 -4.12
CA ALA A 108 -13.04 4.69 -4.33
C ALA A 108 -12.10 4.69 -3.12
N ASP A 109 -12.45 4.03 -2.02
CA ASP A 109 -11.53 4.04 -0.85
C ASP A 109 -11.37 2.65 -0.22
N GLY A 110 -12.10 1.64 -0.67
CA GLY A 110 -12.01 0.29 -0.11
C GLY A 110 -12.62 0.19 1.27
N LEU A 111 -13.34 1.22 1.71
CA LEU A 111 -13.97 1.24 3.06
C LEU A 111 -15.49 1.36 2.90
N HIS A 112 -15.93 2.31 2.07
N HIS A 112 -15.91 2.33 2.09
CA HIS A 112 -17.36 2.61 1.85
CA HIS A 112 -17.33 2.62 1.81
C HIS A 112 -17.83 1.90 0.57
C HIS A 112 -17.79 1.86 0.56
N PHE A 113 -18.79 1.01 0.74
CA PHE A 113 -19.50 0.31 -0.35
C PHE A 113 -20.95 0.71 -0.17
N ASP A 114 -21.74 0.50 -1.20
CA ASP A 114 -23.13 1.02 -1.18
C ASP A 114 -23.94 0.32 -0.07
N GLY A 115 -23.65 -0.97 0.20
CA GLY A 115 -24.44 -1.86 1.08
C GLY A 115 -23.70 -2.32 2.33
N PHE A 116 -22.45 -1.96 2.52
CA PHE A 116 -21.71 -2.30 3.75
C PHE A 116 -20.51 -1.38 3.85
N LYS A 117 -19.88 -1.41 5.01
CA LYS A 117 -18.72 -0.55 5.36
C LYS A 117 -17.64 -1.46 5.93
N LEU A 118 -16.41 -1.30 5.45
CA LEU A 118 -15.27 -2.09 5.97
C LEU A 118 -14.53 -1.26 6.97
N GLU A 119 -14.08 -1.99 7.98
CA GLU A 119 -12.97 -1.63 8.85
C GLU A 119 -11.74 -2.33 8.26
N ASN A 120 -10.76 -1.50 8.00
CA ASN A 120 -9.38 -1.90 7.68
C ASN A 120 -8.47 -1.35 8.76
N PRO A 121 -8.54 -1.90 9.98
CA PRO A 121 -7.85 -1.27 11.10
C PRO A 121 -6.33 -1.15 10.92
N PHE A 122 -5.66 -2.13 10.32
CA PHE A 122 -4.19 -1.99 10.12
C PHE A 122 -3.87 -0.81 9.19
N LEU A 123 -4.80 -0.40 8.31
CA LEU A 123 -4.48 0.70 7.38
C LEU A 123 -4.37 2.03 8.12
N PHE A 124 -5.02 2.16 9.28
CA PHE A 124 -5.07 3.43 10.04
C PHE A 124 -4.45 3.30 11.42
N LYS A 125 -3.86 2.16 11.73
CA LYS A 125 -3.23 1.93 13.06
C LYS A 125 -2.01 2.83 13.24
N ASP A 126 -1.88 3.42 14.43
CA ASP A 126 -0.71 4.24 14.80
C ASP A 126 0.52 3.32 14.85
N LEU A 127 1.47 3.59 13.95
CA LEU A 127 2.65 2.73 13.76
C LEU A 127 3.70 2.97 14.84
N THR A 128 3.46 3.89 15.80
CA THR A 128 4.38 4.07 16.93
C THR A 128 4.01 3.14 18.09
N GLU A 129 2.89 2.44 18.01
CA GLU A 129 2.50 1.44 19.03
C GLU A 129 3.17 0.12 18.70
N ALA A 130 3.82 -0.52 19.65
CA ALA A 130 4.57 -1.79 19.44
C ALA A 130 3.61 -2.94 19.15
N THR A 131 4.08 -3.95 18.42
CA THR A 131 3.37 -5.22 18.22
C THR A 131 3.42 -6.00 19.53
N ASN A 132 2.40 -6.82 19.71
CA ASN A 132 2.38 -7.82 20.80
C ASN A 132 3.05 -9.13 20.40
N TYR A 133 3.66 -9.21 19.22
CA TYR A 133 4.43 -10.42 18.84
C TYR A 133 5.86 -10.29 19.36
N SER A 134 6.37 -11.39 19.89
CA SER A 134 7.80 -11.49 20.25
C SER A 134 8.65 -11.76 19.01
N ALA A 135 9.96 -11.65 19.15
CA ALA A 135 10.92 -11.97 18.08
C ALA A 135 10.68 -13.41 17.61
N GLU A 136 10.53 -14.34 18.55
CA GLU A 136 10.34 -15.76 18.19
C GLU A 136 9.04 -15.95 17.42
N GLU A 137 7.97 -15.24 17.77
CA GLU A 137 6.69 -15.38 17.05
C GLU A 137 6.83 -14.83 15.64
N LEU A 138 7.47 -13.69 15.49
CA LEU A 138 7.68 -13.14 14.14
C LEU A 138 8.48 -14.16 13.30
N ASP A 139 9.49 -14.80 13.88
CA ASP A 139 10.35 -15.74 13.13
C ASP A 139 9.52 -16.92 12.63
N LYS A 140 8.45 -17.27 13.35
CA LYS A 140 7.59 -18.43 12.97
C LYS A 140 6.85 -18.17 11.66
N VAL A 141 6.67 -16.91 11.25
CA VAL A 141 5.79 -16.60 10.09
C VAL A 141 6.38 -17.22 8.82
N PHE A 142 7.70 -17.34 8.77
CA PHE A 142 8.39 -17.77 7.53
C PHE A 142 7.89 -19.18 7.19
N SER A 143 7.91 -20.08 8.16
CA SER A 143 7.41 -21.47 8.00
C SER A 143 5.90 -21.44 7.70
N LEU A 144 5.15 -20.65 8.47
CA LEU A 144 3.66 -20.68 8.38
C LEU A 144 3.16 -20.16 7.03
N LEU A 145 3.88 -19.22 6.39
CA LEU A 145 3.48 -18.66 5.07
C LEU A 145 4.34 -19.24 3.94
N ASN A 146 5.13 -20.28 4.22
CA ASN A 146 5.99 -20.96 3.21
C ASN A 146 6.84 -19.90 2.49
N ILE A 147 7.59 -19.12 3.27
CA ILE A 147 8.54 -18.10 2.73
C ILE A 147 9.94 -18.71 2.73
N ASN A 148 10.46 -18.99 1.54
CA ASN A 148 11.73 -19.68 1.35
C ASN A 148 12.80 -18.72 0.82
N ASN A 149 14.05 -18.91 1.26
CA ASN A 149 15.22 -18.18 0.71
C ASN A 149 15.11 -16.67 1.00
N SER A 150 14.48 -16.29 2.11
CA SER A 150 14.40 -14.88 2.53
C SER A 150 15.62 -14.44 3.32
N LEU A 151 16.16 -13.27 3.00
CA LEU A 151 17.20 -12.60 3.84
C LEU A 151 16.65 -12.18 5.21
N LEU A 152 15.34 -12.16 5.40
CA LEU A 152 14.71 -11.69 6.65
C LEU A 152 14.45 -12.88 7.58
N GLU A 153 14.68 -14.12 7.14
CA GLU A 153 14.44 -15.29 8.00
C GLU A 153 15.32 -15.17 9.26
N ASN A 154 14.73 -15.45 10.42
CA ASN A 154 15.48 -15.44 11.71
C ASN A 154 15.97 -14.03 12.05
N LYS A 155 15.30 -12.98 11.59
CA LYS A 155 15.62 -11.57 11.91
C LYS A 155 14.58 -10.96 12.84
N GLY A 156 13.69 -11.77 13.43
CA GLY A 156 12.69 -11.24 14.38
C GLY A 156 13.35 -10.41 15.46
N ALA A 157 14.50 -10.84 15.97
CA ALA A 157 15.19 -10.10 17.05
C ALA A 157 15.61 -8.73 16.54
N THR A 158 16.06 -8.61 15.30
CA THR A 158 16.48 -7.31 14.75
C THR A 158 15.24 -6.41 14.56
N PHE A 159 14.15 -6.97 14.04
CA PHE A 159 12.89 -6.18 13.94
C PHE A 159 12.44 -5.66 15.32
N LYS A 160 12.54 -6.49 16.36
CA LYS A 160 12.12 -6.07 17.71
C LYS A 160 13.10 -5.03 18.27
N GLU A 161 14.39 -5.15 17.95
CA GLU A 161 15.40 -4.13 18.36
C GLU A 161 15.04 -2.81 17.69
N ALA A 162 14.72 -2.83 16.39
CA ALA A 162 14.36 -1.61 15.66
C ALA A 162 13.14 -0.96 16.33
N GLU A 163 12.16 -1.81 16.65
CA GLU A 163 10.95 -1.32 17.36
C GLU A 163 11.32 -0.67 18.70
N GLU A 164 12.15 -1.34 19.49
CA GLU A 164 12.54 -0.85 20.85
C GLU A 164 13.19 0.53 20.73
N HIS A 165 14.10 0.66 19.78
CA HIS A 165 15.00 1.82 19.65
C HIS A 165 14.29 3.01 18.98
N TYR A 166 13.54 2.76 17.91
CA TYR A 166 12.95 3.83 17.08
C TYR A 166 11.45 4.00 17.33
N HIS A 167 10.83 3.14 18.12
CA HIS A 167 9.39 3.21 18.47
C HIS A 167 8.54 3.12 17.21
N ILE A 168 8.82 2.09 16.42
CA ILE A 168 8.05 1.76 15.19
C ILE A 168 7.65 0.29 15.27
N ASN A 169 6.37 0.01 15.08
CA ASN A 169 5.74 -1.33 15.14
C ASN A 169 6.51 -2.35 14.31
N ALA A 170 6.96 -3.44 14.93
CA ALA A 170 7.80 -4.45 14.25
C ALA A 170 6.98 -5.31 13.30
N LEU A 171 5.68 -5.52 13.60
CA LEU A 171 4.83 -6.25 12.63
C LEU A 171 4.70 -5.44 11.34
N TYR A 172 4.50 -4.15 11.46
CA TYR A 172 4.52 -3.23 10.30
C TYR A 172 5.88 -3.31 9.58
N LEU A 173 6.98 -3.28 10.32
CA LEU A 173 8.28 -3.27 9.64
C LEU A 173 8.45 -4.57 8.85
N LEU A 174 8.07 -5.69 9.45
CA LEU A 174 8.15 -6.99 8.75
C LEU A 174 7.24 -6.97 7.50
N ALA A 175 6.01 -6.50 7.64
CA ALA A 175 5.06 -6.47 6.51
C ALA A 175 5.54 -5.53 5.41
N HIS A 176 6.06 -4.36 5.76
CA HIS A 176 6.57 -3.38 4.78
C HIS A 176 7.72 -4.04 4.01
N SER A 177 8.69 -4.61 4.72
CA SER A 177 9.83 -5.28 4.02
C SER A 177 9.33 -6.46 3.19
N ALA A 178 8.33 -7.19 3.68
CA ALA A 178 7.79 -8.34 2.93
C ALA A 178 7.24 -7.84 1.60
N LEU A 179 6.40 -6.83 1.65
CA LEU A 179 5.77 -6.32 0.42
C LEU A 179 6.78 -5.61 -0.47
N GLN A 180 7.61 -4.80 0.04
N GLN A 180 7.59 -4.74 0.04
CA GLN A 180 8.38 -3.92 -0.86
CA GLN A 180 8.47 -3.88 -0.78
C GLN A 180 9.52 -4.69 -1.51
C GLN A 180 9.50 -4.71 -1.52
N SER A 181 10.03 -5.73 -0.85
CA SER A 181 11.24 -6.43 -1.33
C SER A 181 10.97 -7.90 -1.59
N ASN A 182 9.71 -8.31 -1.69
CA ASN A 182 9.37 -9.73 -1.88
C ASN A 182 10.06 -10.54 -0.78
N TRP A 183 9.78 -10.20 0.48
CA TRP A 183 10.37 -10.90 1.63
C TRP A 183 11.89 -10.90 1.50
N GLY A 184 12.51 -9.79 1.17
CA GLY A 184 13.97 -9.76 1.13
C GLY A 184 14.55 -10.70 0.08
N ARG A 185 13.89 -10.75 -1.09
CA ARG A 185 14.34 -11.61 -2.21
C ARG A 185 14.44 -10.81 -3.50
N SER A 186 14.14 -9.52 -3.51
CA SER A 186 14.31 -8.68 -4.72
C SER A 186 15.80 -8.41 -4.98
N LYS A 187 16.10 -7.92 -6.17
CA LYS A 187 17.51 -7.63 -6.51
C LYS A 187 18.01 -6.45 -5.67
N ILE A 188 17.18 -5.45 -5.38
CA ILE A 188 17.54 -4.31 -4.47
C ILE A 188 17.85 -4.90 -3.06
N ALA A 189 17.06 -5.88 -2.58
CA ALA A 189 17.27 -6.52 -1.24
C ALA A 189 18.64 -7.20 -1.21
N LYS A 190 18.90 -8.01 -2.22
CA LYS A 190 20.11 -8.86 -2.23
C LYS A 190 21.36 -8.01 -2.50
N ASP A 191 21.30 -7.09 -3.46
CA ASP A 191 22.48 -6.27 -3.82
C ASP A 191 22.74 -5.20 -2.75
N LYS A 192 21.70 -4.52 -2.25
CA LYS A 192 21.81 -3.23 -1.50
C LYS A 192 21.37 -3.41 -0.03
N ASN A 193 20.97 -4.61 0.43
CA ASN A 193 20.41 -4.81 1.81
C ASN A 193 19.31 -3.79 2.09
N ASN A 194 18.54 -3.47 1.06
CA ASN A 194 17.51 -2.43 1.09
C ASN A 194 16.20 -3.19 0.95
N PHE A 195 15.48 -3.36 2.06
CA PHE A 195 14.25 -4.20 2.09
C PHE A 195 12.99 -3.34 2.03
N PHE A 196 13.14 -2.03 2.04
CA PHE A 196 12.01 -1.09 2.23
C PHE A 196 11.85 -0.13 1.05
N GLY A 197 12.55 -0.37 -0.05
CA GLY A 197 12.45 0.52 -1.21
C GLY A 197 12.92 1.91 -0.89
N ILE A 198 13.91 2.06 0.01
CA ILE A 198 14.35 3.41 0.44
C ILE A 198 14.96 4.09 -0.78
N THR A 199 14.43 5.27 -1.14
CA THR A 199 14.74 6.15 -2.32
C THR A 199 14.71 5.34 -3.62
N ALA A 200 13.88 4.30 -3.73
CA ALA A 200 13.75 3.50 -4.96
C ALA A 200 12.72 4.15 -5.88
N TYR A 201 13.05 5.35 -6.39
CA TYR A 201 12.13 6.24 -7.14
C TYR A 201 11.64 5.53 -8.40
N ASP A 202 10.38 5.79 -8.79
CA ASP A 202 9.74 5.12 -9.94
C ASP A 202 10.60 5.25 -11.21
N THR A 203 11.22 6.42 -11.43
CA THR A 203 11.97 6.71 -12.68
C THR A 203 13.15 5.73 -12.82
N THR A 204 13.88 5.43 -11.75
CA THR A 204 15.07 4.55 -11.79
C THR A 204 15.16 3.83 -10.45
N PRO A 205 14.30 2.83 -10.18
CA PRO A 205 14.18 2.28 -8.83
C PRO A 205 15.48 1.65 -8.32
N TYR A 206 16.11 0.79 -9.13
CA TYR A 206 17.34 0.10 -8.70
C TYR A 206 18.44 1.13 -8.47
N LEU A 207 18.71 2.00 -9.45
CA LEU A 207 19.88 2.92 -9.36
C LEU A 207 19.69 3.90 -8.19
N SER A 208 18.47 4.36 -7.96
CA SER A 208 18.22 5.43 -6.96
C SER A 208 18.18 4.83 -5.55
N ALA A 209 17.87 3.53 -5.39
CA ALA A 209 17.70 2.88 -4.07
C ALA A 209 18.97 3.08 -3.23
N LYS A 210 18.77 3.39 -1.95
CA LYS A 210 19.89 3.55 -1.00
C LYS A 210 20.58 2.20 -0.77
N THR A 211 21.86 2.25 -0.46
CA THR A 211 22.68 1.06 -0.09
C THR A 211 22.93 1.00 1.42
N PHE A 212 22.77 -0.19 2.03
CA PHE A 212 23.05 -0.49 3.46
C PHE A 212 24.13 -1.58 3.56
N ASP A 213 24.83 -1.62 4.70
CA ASP A 213 26.10 -2.39 4.80
C ASP A 213 25.82 -3.89 4.90
N ASP A 214 24.78 -4.29 5.64
CA ASP A 214 24.45 -5.73 5.87
C ASP A 214 22.96 -5.83 6.22
N VAL A 215 22.44 -7.03 6.47
CA VAL A 215 20.96 -7.23 6.69
C VAL A 215 20.55 -6.48 7.96
N ASP A 216 21.30 -6.62 9.05
CA ASP A 216 20.85 -5.97 10.31
C ASP A 216 20.91 -4.44 10.18
N LYS A 217 21.97 -3.89 9.58
N LYS A 217 21.97 -3.90 9.59
CA LYS A 217 22.09 -2.43 9.39
CA LYS A 217 22.09 -2.43 9.39
C LYS A 217 21.06 -1.97 8.35
C LYS A 217 21.04 -1.98 8.38
N GLY A 218 20.65 -2.85 7.43
CA GLY A 218 19.56 -2.52 6.51
C GLY A 218 18.25 -2.39 7.25
N ILE A 219 17.94 -3.31 8.15
CA ILE A 219 16.68 -3.22 8.93
C ILE A 219 16.73 -1.99 9.84
N LEU A 220 17.82 -1.79 10.59
CA LEU A 220 17.89 -0.65 11.52
C LEU A 220 17.98 0.66 10.75
N GLY A 221 18.77 0.71 9.68
CA GLY A 221 18.91 1.96 8.90
C GLY A 221 17.64 2.36 8.20
N ALA A 222 16.91 1.39 7.65
CA ALA A 222 15.62 1.71 7.03
C ALA A 222 14.63 2.20 8.08
N THR A 223 14.63 1.57 9.26
CA THR A 223 13.71 1.99 10.34
C THR A 223 14.03 3.44 10.72
N LYS A 224 15.31 3.76 10.89
CA LYS A 224 15.73 5.13 11.21
C LYS A 224 15.19 6.09 10.13
N TRP A 225 15.34 5.73 8.86
CA TRP A 225 14.95 6.59 7.72
C TRP A 225 13.45 6.82 7.76
N ILE A 226 12.68 5.75 7.99
CA ILE A 226 11.20 5.86 8.09
C ILE A 226 10.80 6.75 9.26
N LYS A 227 11.44 6.55 10.41
CA LYS A 227 11.17 7.39 11.58
C LYS A 227 11.40 8.87 11.25
N GLU A 228 12.55 9.19 10.67
CA GLU A 228 12.96 10.59 10.49
C GLU A 228 12.19 11.28 9.36
N ASN A 229 11.88 10.56 8.30
CA ASN A 229 11.27 11.14 7.09
C ASN A 229 9.75 11.07 7.14
N TYR A 230 9.15 10.11 7.86
CA TYR A 230 7.67 9.90 7.87
C TYR A 230 7.09 10.09 9.27
N ILE A 231 7.47 9.24 10.23
CA ILE A 231 6.81 9.25 11.56
C ILE A 231 7.00 10.62 12.20
N ASP A 232 8.22 11.11 12.23
CA ASP A 232 8.54 12.41 12.90
C ASP A 232 7.93 13.59 12.15
N ARG A 233 7.45 13.39 10.93
CA ARG A 233 6.86 14.47 10.10
C ARG A 233 5.34 14.30 10.05
N GLY A 234 4.77 13.49 10.93
CA GLY A 234 3.32 13.36 11.16
C GLY A 234 2.64 12.40 10.21
N ARG A 235 3.38 11.52 9.53
CA ARG A 235 2.83 10.39 8.76
C ARG A 235 2.97 9.12 9.59
N THR A 236 1.94 8.81 10.40
CA THR A 236 2.08 7.83 11.48
C THR A 236 1.21 6.59 11.25
N PHE A 237 0.62 6.46 10.06
CA PHE A 237 -0.18 5.27 9.69
C PHE A 237 -0.03 5.09 8.19
N LEU A 238 -0.38 3.91 7.70
CA LEU A 238 -0.15 3.53 6.29
C LEU A 238 -1.01 4.39 5.37
N GLY A 239 -2.31 4.33 5.54
CA GLY A 239 -3.24 5.21 4.83
C GLY A 239 -3.34 4.93 3.33
N ASN A 240 -3.60 6.01 2.61
CA ASN A 240 -4.03 5.99 1.21
C ASN A 240 -3.58 7.29 0.54
N LYS A 241 -4.22 7.67 -0.57
CA LYS A 241 -3.73 8.90 -1.24
C LYS A 241 -4.22 10.19 -0.57
N ALA A 242 -5.12 10.08 0.40
CA ALA A 242 -5.63 11.27 1.12
C ALA A 242 -4.83 11.57 2.39
N SER A 243 -4.32 10.55 3.06
CA SER A 243 -3.59 10.77 4.33
C SER A 243 -2.76 9.54 4.65
N GLY A 244 -1.78 9.71 5.52
CA GLY A 244 -0.86 8.63 5.89
C GLY A 244 0.39 8.62 5.03
N MET A 245 1.21 7.61 5.28
CA MET A 245 2.48 7.43 4.58
C MET A 245 2.26 7.31 3.07
N ASN A 246 1.16 6.70 2.65
CA ASN A 246 0.97 6.42 1.21
C ASN A 246 0.90 7.73 0.40
N VAL A 247 0.58 8.86 1.01
CA VAL A 247 0.51 10.12 0.24
C VAL A 247 1.85 10.36 -0.48
N GLU A 248 2.97 10.22 0.23
CA GLU A 248 4.30 10.50 -0.33
C GLU A 248 5.13 9.26 -0.61
N TYR A 249 4.93 8.17 0.13
CA TYR A 249 5.94 7.09 0.18
C TYR A 249 6.02 6.38 -1.17
N ALA A 250 4.88 6.16 -1.82
CA ALA A 250 4.81 5.33 -3.03
C ALA A 250 3.80 5.91 -3.99
N SER A 251 4.05 5.75 -5.29
CA SER A 251 3.07 6.14 -6.33
C SER A 251 1.87 5.19 -6.34
N ASP A 252 2.08 3.94 -5.97
CA ASP A 252 1.02 2.92 -5.98
C ASP A 252 -0.11 3.39 -5.04
N PRO A 253 -1.35 3.62 -5.55
CA PRO A 253 -2.43 4.08 -4.68
C PRO A 253 -2.81 3.08 -3.59
N TYR A 254 -2.42 1.82 -3.78
CA TYR A 254 -2.81 0.72 -2.86
C TYR A 254 -1.61 0.19 -2.09
N TRP A 255 -0.50 0.94 -2.05
CA TRP A 255 0.67 0.53 -1.24
C TRP A 255 0.25 0.28 0.21
N GLY A 256 -0.49 1.21 0.79
CA GLY A 256 -0.86 1.06 2.21
C GLY A 256 -1.75 -0.13 2.41
N GLU A 257 -2.73 -0.30 1.53
CA GLU A 257 -3.66 -1.43 1.61
C GLU A 257 -2.88 -2.75 1.47
N LYS A 258 -1.87 -2.82 0.60
CA LYS A 258 -1.06 -4.04 0.43
C LYS A 258 -0.31 -4.36 1.72
N ILE A 259 0.29 -3.36 2.35
CA ILE A 259 1.08 -3.63 3.59
C ILE A 259 0.08 -4.04 4.68
N ALA A 260 -1.06 -3.36 4.79
CA ALA A 260 -2.07 -3.73 5.80
C ALA A 260 -2.54 -5.17 5.60
N SER A 261 -2.67 -5.58 4.33
CA SER A 261 -3.10 -6.95 3.99
C SER A 261 -2.07 -7.97 4.51
N VAL A 262 -0.79 -7.69 4.32
CA VAL A 262 0.28 -8.57 4.82
C VAL A 262 0.22 -8.60 6.35
N MET A 263 0.06 -7.45 6.99
CA MET A 263 -0.08 -7.42 8.46
C MET A 263 -1.26 -8.31 8.89
N MET A 264 -2.38 -8.17 8.20
N MET A 264 -2.38 -8.21 8.21
CA MET A 264 -3.60 -8.96 8.47
CA MET A 264 -3.55 -9.03 8.59
C MET A 264 -3.26 -10.47 8.36
C MET A 264 -3.24 -10.52 8.40
N LYS A 265 -2.58 -10.88 7.29
CA LYS A 265 -2.26 -12.31 7.03
C LYS A 265 -1.32 -12.84 8.13
N ILE A 266 -0.29 -12.07 8.44
CA ILE A 266 0.68 -12.48 9.49
C ILE A 266 -0.06 -12.58 10.83
N ASN A 267 -0.83 -11.56 11.18
CA ASN A 267 -1.56 -11.55 12.46
C ASN A 267 -2.46 -12.78 12.58
N GLU A 268 -3.14 -13.16 11.50
CA GLU A 268 -4.06 -14.33 11.58
C GLU A 268 -3.24 -15.61 11.83
N LYS A 269 -2.13 -15.75 11.11
CA LYS A 269 -1.26 -16.96 11.24
C LYS A 269 -0.69 -17.09 12.65
N LEU A 270 -0.43 -15.96 13.31
CA LEU A 270 0.27 -15.96 14.61
C LEU A 270 -0.71 -15.90 15.80
N GLY A 271 -2.03 -15.91 15.55
CA GLY A 271 -3.03 -16.12 16.62
C GLY A 271 -3.81 -14.84 16.98
N GLY A 272 -3.69 -13.75 16.23
CA GLY A 272 -4.59 -12.61 16.42
C GLY A 272 -4.27 -11.76 17.65
N LYS A 273 -3.00 -11.66 18.05
CA LYS A 273 -2.60 -10.91 19.27
C LYS A 273 -2.67 -9.40 19.03
N ASP A 274 -2.60 -8.94 17.79
CA ASP A 274 -2.64 -7.48 17.51
C ASP A 274 -4.03 -7.09 17.02
C1 NAG B . 3.33 -8.13 -4.94
C2 NAG B . 2.70 -6.77 -4.64
C3 NAG B . 3.62 -5.71 -5.23
C4 NAG B . 5.08 -5.82 -4.72
C5 NAG B . 5.57 -7.24 -4.94
C6 NAG B . 6.96 -7.53 -4.36
C7 NAG B . 0.30 -7.05 -4.55
C8 NAG B . -0.88 -7.34 -5.42
N2 NAG B . 1.37 -6.75 -5.26
O1 NAG B . 2.51 -9.15 -4.34
O3 NAG B . 3.09 -4.43 -4.96
O4 NAG B . 5.99 -4.97 -5.46
O5 NAG B . 4.62 -8.17 -4.38
O6 NAG B . 7.47 -8.66 -5.06
O7 NAG B . 0.33 -7.15 -3.31
C1 AMU B . 6.31 -3.72 -4.85
C2 AMU B . 7.65 -3.21 -5.39
C3 AMU B . 7.95 -1.81 -4.87
C4 AMU B . 6.75 -0.83 -5.01
C5 AMU B . 5.51 -1.55 -4.50
C6 AMU B . 4.28 -0.68 -4.66
C7 AMU B . 9.21 -5.03 -6.06
C8 AMU B . 10.24 -6.02 -5.50
C9 AMU B . 10.32 -1.60 -4.98
C10 AMU B . 11.20 -1.99 -6.13
C11 AMU B . 10.89 -0.42 -4.22
O3 AMU B . 9.06 -1.23 -5.54
O4 AMU B . 6.86 0.44 -4.27
O5 AMU B . 5.28 -2.80 -5.16
O6 AMU B . 3.22 -1.34 -4.02
O7 AMU B . 8.81 -5.04 -7.23
O10 AMU B . 12.04 -2.95 -6.00
O11 AMU B . 10.98 -1.35 -7.21
N2 AMU B . 8.69 -4.17 -5.15
C1 NAG B . 7.79 1.45 -4.80
C2 NAG B . 7.01 2.58 -5.44
C3 NAG B . 7.79 3.89 -5.59
C4 NAG B . 8.51 4.31 -4.31
C5 NAG B . 9.24 3.16 -3.63
C6 NAG B . 9.34 3.49 -2.12
C7 NAG B . 5.10 2.12 -6.89
C8 NAG B . 4.56 1.70 -8.25
N2 NAG B . 6.43 2.13 -6.74
O3 NAG B . 6.76 4.89 -5.89
O4 NAG B . 9.45 5.38 -4.44
O5 NAG B . 8.50 1.95 -3.67
O6 NAG B . 7.98 3.31 -1.76
O7 NAG B . 4.43 2.44 -5.98
C1 AMU B . 9.00 6.76 -4.44
C2 AMU B . 9.75 7.57 -3.36
C3 AMU B . 9.35 9.04 -3.44
C4 AMU B . 9.50 9.60 -4.86
C5 AMU B . 8.81 8.68 -5.85
C6 AMU B . 9.08 9.14 -7.26
C7 AMU B . 10.63 6.83 -1.23
C8 AMU B . 10.28 6.31 0.14
C9 AMU B . 9.44 10.21 -1.42
C10 AMU B . 10.42 10.56 -0.34
C11 AMU B . 8.59 11.43 -1.78
O3 AMU B . 10.17 9.79 -2.56
O4 AMU B . 8.90 10.90 -4.99
O5 AMU B . 9.23 7.31 -5.73
O6 AMU B . 8.26 8.43 -8.17
O7 AMU B . 11.80 6.94 -1.65
O10 AMU B . 11.55 11.02 -0.65
O11 AMU B . 10.05 10.37 0.83
N2 AMU B . 9.56 7.10 -1.98
C1 NAG B . 9.86 11.83 -5.45
C2 NAG B . 9.07 13.03 -5.94
C3 NAG B . 10.05 14.13 -6.29
C4 NAG B . 11.01 14.38 -5.12
C5 NAG B . 11.73 13.08 -4.68
C6 NAG B . 12.65 13.31 -3.47
C7 NAG B . 6.89 12.80 -7.09
C8 NAG B . 6.28 12.42 -8.40
N2 NAG B . 8.21 12.70 -7.08
O3 NAG B . 9.23 15.24 -6.69
O4 NAG B . 12.00 15.34 -5.49
O5 NAG B . 10.76 12.08 -4.38
O6 NAG B . 11.94 13.38 -2.22
O7 NAG B . 6.25 13.17 -6.13
OH2 1PE C . 15.43 -13.36 -7.77
C12 1PE C . 15.38 -12.19 -8.54
C22 1PE C . 16.00 -11.02 -7.81
OH3 1PE C . 17.35 -11.33 -7.46
C13 1PE C . 19.64 -11.57 -8.02
C23 1PE C . 18.25 -11.45 -8.56
OH4 1PE C . 19.85 -12.85 -7.43
C14 1PE C . 21.35 -14.38 -6.38
C24 1PE C . 21.18 -12.98 -6.91
OH5 1PE C . 20.34 -14.72 -5.45
C15 1PE C . 19.57 -16.22 -3.74
C25 1PE C . 20.65 -15.91 -4.72
OH6 1PE C . 18.34 -16.34 -4.46
C16 1PE C . 16.00 -16.78 -4.43
C26 1PE C . 17.27 -16.73 -3.63
OH7 1PE C . 15.58 -15.49 -4.83
C1 PGE D . 2.34 -23.85 14.87
O1 PGE D . 3.44 -23.98 15.74
C2 PGE D . 2.09 -22.43 14.50
O2 PGE D . 1.83 -21.65 15.67
C3 PGE D . 0.93 -20.57 15.43
C4 PGE D . 1.02 -19.62 16.56
O4 PGE D . 4.13 -18.94 18.92
C6 PGE D . 2.92 -18.24 18.84
C5 PGE D . 2.52 -18.00 17.42
O3 PGE D . 2.38 -19.25 16.77
C1 PEG E . 5.35 14.45 4.88
O1 PEG E . 4.82 15.15 5.97
C2 PEG E . 6.48 13.56 5.27
O2 PEG E . 6.94 12.80 4.16
C3 PEG E . 7.49 13.61 3.13
C4 PEG E . 8.48 12.82 2.35
O4 PEG E . 9.26 13.61 1.48
CA CA F . -4.60 24.55 -1.47
#